data_7DCK
#
_entry.id   7DCK
#
_cell.length_a   164.288
_cell.length_b   164.288
_cell.length_c   55.645
_cell.angle_alpha   90.000
_cell.angle_beta   90.000
_cell.angle_gamma   120.000
#
_symmetry.space_group_name_H-M   'P 61'
#
loop_
_entity.id
_entity.type
_entity.pdbx_description
1 polymer 'Lactamase_B domain-containing protein'
2 non-polymer 'MANGANESE (II) ION'
3 water water
#
_entity_poly.entity_id   1
_entity_poly.type   'polypeptide(L)'
_entity_poly.pdbx_seq_one_letter_code
;MASHHHHHHMASNTVKITISFDNYAYLEGFQTLWGFSCFVETDETTFLFDTGSNGRVLLQNMQQLDIDLKKAEALILSHP
HWDHIGGVDSVLEVHPQMHLFVPNSLSKHLIRDLNAQTLGVTVINESPQQLLPSVYSTGVMGDIGEQSIVIDTEKGLVVI
TGCAHPGIEHIAARSIEMLQKPIYLLMGGFHLMYENTARISEVIETLDELGIQNVCPTHCSGDLAISMFKSHFGDRCLQG
GIGRVITI
;
_entity_poly.pdbx_strand_id   A,B
#
# COMPACT_ATOMS: atom_id res chain seq x y z
N SER A 3 -3.83 24.00 41.07
CA SER A 3 -2.37 24.09 41.14
C SER A 3 -1.71 22.70 41.28
N HIS A 4 -2.50 21.64 41.14
CA HIS A 4 -1.98 20.30 41.27
C HIS A 4 -1.22 19.88 40.02
N HIS A 5 -0.12 19.16 40.23
CA HIS A 5 0.68 18.64 39.12
C HIS A 5 0.22 17.25 38.73
N HIS A 6 0.42 16.90 37.46
CA HIS A 6 0.10 15.59 36.93
C HIS A 6 1.23 15.12 36.02
N HIS A 7 1.63 13.86 36.17
CA HIS A 7 2.70 13.29 35.38
C HIS A 7 2.30 11.90 34.90
N HIS A 8 2.66 11.58 33.66
CA HIS A 8 2.49 10.23 33.17
C HIS A 8 3.39 9.26 33.92
N HIS A 9 2.98 8.00 33.98
CA HIS A 9 3.84 6.97 34.52
C HIS A 9 4.96 6.64 33.53
N MET A 10 6.10 6.23 34.06
CA MET A 10 7.17 5.74 33.20
C MET A 10 6.79 4.41 32.57
N ALA A 11 6.39 3.45 33.39
CA ALA A 11 5.95 2.14 32.92
C ALA A 11 4.44 2.00 33.14
N SER A 12 3.81 1.24 32.25
CA SER A 12 2.41 0.89 32.38
C SER A 12 2.27 -0.38 33.21
N ASN A 13 1.35 -0.37 34.17
CA ASN A 13 1.20 -1.55 35.02
C ASN A 13 0.53 -2.69 34.28
N THR A 14 -0.49 -2.40 33.47
CA THR A 14 -1.14 -3.42 32.67
C THR A 14 -1.17 -2.99 31.21
N VAL A 15 -0.87 -3.94 30.33
CA VAL A 15 -0.93 -3.75 28.88
C VAL A 15 -1.78 -4.87 28.30
N LYS A 16 -2.72 -4.52 27.44
CA LYS A 16 -3.55 -5.50 26.76
C LYS A 16 -3.37 -5.35 25.26
N ILE A 17 -2.94 -6.43 24.61
CA ILE A 17 -2.65 -6.44 23.18
C ILE A 17 -3.61 -7.42 22.50
N THR A 18 -4.35 -6.93 21.52
CA THR A 18 -5.29 -7.75 20.76
C THR A 18 -4.86 -7.81 19.31
N ILE A 19 -4.59 -9.01 18.81
CA ILE A 19 -4.23 -9.21 17.41
C ILE A 19 -5.50 -9.15 16.57
N SER A 20 -5.60 -8.13 15.72
CA SER A 20 -6.83 -7.87 14.97
C SER A 20 -6.69 -8.13 13.48
N PHE A 21 -5.51 -8.49 13.00
CA PHE A 21 -5.30 -8.82 11.59
C PHE A 21 -4.06 -9.69 11.52
N ASP A 22 -4.19 -10.88 10.95
CA ASP A 22 -3.10 -11.83 10.92
C ASP A 22 -3.42 -12.90 9.88
N ASN A 23 -2.39 -13.59 9.40
CA ASN A 23 -2.62 -14.72 8.52
C ASN A 23 -2.80 -16.03 9.30
N TYR A 24 -2.76 -15.97 10.62
CA TYR A 24 -3.22 -17.05 11.47
C TYR A 24 -4.47 -16.60 12.22
N ALA A 25 -5.32 -17.57 12.54
CA ALA A 25 -6.53 -17.32 13.32
C ALA A 25 -6.40 -18.01 14.66
N TYR A 26 -6.66 -17.27 15.73
CA TYR A 26 -6.73 -17.83 17.08
C TYR A 26 -8.14 -18.21 17.47
N LEU A 27 -9.13 -17.41 17.07
CA LEU A 27 -10.53 -17.70 17.28
C LEU A 27 -11.19 -18.10 15.96
N GLU A 28 -12.33 -18.78 16.07
CA GLU A 28 -13.06 -19.22 14.88
C GLU A 28 -13.82 -18.07 14.25
N GLY A 29 -14.02 -18.15 12.94
CA GLY A 29 -14.90 -17.23 12.25
C GLY A 29 -14.30 -15.90 11.86
N PHE A 30 -13.00 -15.87 11.56
CA PHE A 30 -12.31 -14.67 11.11
C PHE A 30 -11.56 -14.98 9.83
N GLN A 31 -11.54 -14.03 8.91
CA GLN A 31 -10.85 -14.23 7.64
C GLN A 31 -9.38 -13.89 7.80
N THR A 32 -8.52 -14.91 7.73
CA THR A 32 -7.09 -14.68 7.69
C THR A 32 -6.68 -14.08 6.35
N LEU A 33 -5.73 -13.15 6.39
CA LEU A 33 -5.15 -12.55 5.20
C LEU A 33 -3.72 -12.19 5.53
N TRP A 34 -2.90 -12.04 4.49
CA TRP A 34 -1.50 -11.71 4.71
C TRP A 34 -1.36 -10.28 5.22
N GLY A 35 -0.85 -10.13 6.43
CA GLY A 35 -0.66 -8.83 7.03
C GLY A 35 -0.73 -8.93 8.55
N PHE A 36 -0.66 -7.77 9.19
CA PHE A 36 -0.61 -7.71 10.64
C PHE A 36 -1.23 -6.42 11.16
N SER A 37 -1.90 -6.52 12.31
CA SER A 37 -2.36 -5.33 13.02
C SER A 37 -2.60 -5.69 14.48
N CYS A 38 -2.37 -4.71 15.36
CA CYS A 38 -2.44 -4.87 16.81
C CYS A 38 -3.20 -3.69 17.40
N PHE A 39 -4.11 -3.99 18.32
CA PHE A 39 -4.79 -2.98 19.13
C PHE A 39 -4.20 -3.05 20.53
N VAL A 40 -3.62 -1.95 21.00
CA VAL A 40 -2.87 -1.93 22.25
C VAL A 40 -3.52 -0.96 23.22
N GLU A 41 -3.86 -1.45 24.41
CA GLU A 41 -4.47 -0.66 25.46
C GLU A 41 -3.54 -0.64 26.66
N THR A 42 -3.07 0.54 27.04
CA THR A 42 -2.26 0.73 28.24
C THR A 42 -3.06 1.49 29.28
N ASP A 43 -2.41 1.74 30.43
CA ASP A 43 -3.02 2.55 31.47
C ASP A 43 -3.41 3.92 30.94
N GLU A 44 -2.53 4.56 30.17
CA GLU A 44 -2.68 5.95 29.80
C GLU A 44 -2.97 6.19 28.33
N THR A 45 -2.87 5.18 27.46
CA THR A 45 -3.13 5.42 26.05
C THR A 45 -3.61 4.16 25.35
N THR A 46 -4.17 4.37 24.17
CA THR A 46 -4.68 3.32 23.31
C THR A 46 -4.29 3.65 21.88
N PHE A 47 -3.69 2.69 21.18
CA PHE A 47 -3.22 2.95 19.82
C PHE A 47 -3.32 1.69 18.98
N LEU A 48 -3.26 1.89 17.66
CA LEU A 48 -3.14 0.84 16.68
C LEU A 48 -1.69 0.71 16.24
N PHE A 49 -1.23 -0.52 16.08
CA PHE A 49 0.07 -0.80 15.48
C PHE A 49 -0.19 -1.51 14.15
N ASP A 50 0.00 -0.77 13.04
CA ASP A 50 -0.20 -1.25 11.68
C ASP A 50 -1.68 -1.54 11.41
N THR A 51 -2.01 -1.77 10.13
CA THR A 51 -3.41 -1.82 9.71
C THR A 51 -3.71 -2.98 8.77
N GLY A 52 -2.82 -3.98 8.67
CA GLY A 52 -3.06 -5.08 7.76
C GLY A 52 -3.01 -4.68 6.30
N SER A 53 -3.52 -5.57 5.46
CA SER A 53 -3.54 -5.36 4.02
C SER A 53 -4.91 -4.95 3.50
N ASN A 54 -5.96 -5.11 4.30
CA ASN A 54 -7.34 -4.90 3.86
C ASN A 54 -8.07 -4.17 4.97
N GLY A 55 -8.36 -2.89 4.75
CA GLY A 55 -9.00 -2.09 5.77
C GLY A 55 -10.45 -2.46 6.04
N ARG A 56 -11.15 -2.98 5.01
CA ARG A 56 -12.51 -3.43 5.22
C ARG A 56 -12.55 -4.65 6.14
N VAL A 57 -11.69 -5.63 5.88
CA VAL A 57 -11.59 -6.79 6.77
C VAL A 57 -11.11 -6.36 8.16
N LEU A 58 -10.18 -5.40 8.22
CA LEU A 58 -9.67 -4.93 9.50
C LEU A 58 -10.80 -4.35 10.36
N LEU A 59 -11.65 -3.50 9.77
CA LEU A 59 -12.76 -2.94 10.53
C LEU A 59 -13.75 -4.01 10.97
N GLN A 60 -14.02 -4.98 10.08
CA GLN A 60 -14.92 -6.08 10.43
C GLN A 60 -14.36 -6.89 11.60
N ASN A 61 -13.08 -7.25 11.53
CA ASN A 61 -12.44 -7.97 12.63
C ASN A 61 -12.55 -7.19 13.94
N MET A 62 -12.37 -5.86 13.88
CA MET A 62 -12.39 -5.08 15.11
C MET A 62 -13.78 -5.04 15.72
N GLN A 63 -14.83 -4.98 14.88
CA GLN A 63 -16.19 -5.05 15.39
C GLN A 63 -16.45 -6.38 16.09
N GLN A 64 -16.18 -7.49 15.40
CA GLN A 64 -16.38 -8.81 15.99
C GLN A 64 -15.60 -9.00 17.28
N LEU A 65 -14.50 -8.28 17.47
CA LEU A 65 -13.68 -8.41 18.66
C LEU A 65 -14.07 -7.43 19.75
N ASP A 66 -15.09 -6.61 19.53
CA ASP A 66 -15.52 -5.57 20.48
C ASP A 66 -14.38 -4.59 20.77
N ILE A 67 -13.60 -4.30 19.73
CA ILE A 67 -12.62 -3.24 19.76
C ILE A 67 -13.28 -1.99 19.19
N ASP A 68 -13.36 -0.92 19.99
CA ASP A 68 -13.85 0.35 19.47
C ASP A 68 -12.65 1.15 18.98
N LEU A 69 -12.54 1.26 17.66
CA LEU A 69 -11.46 2.04 17.04
C LEU A 69 -11.41 3.47 17.56
N LYS A 70 -12.57 4.05 17.88
CA LYS A 70 -12.64 5.47 18.19
C LYS A 70 -12.03 5.83 19.54
N LYS A 71 -11.70 4.84 20.36
CA LYS A 71 -10.96 5.11 21.59
C LYS A 71 -9.46 5.16 21.39
N ALA A 72 -8.97 4.93 20.16
CA ALA A 72 -7.55 4.96 19.88
C ALA A 72 -7.07 6.39 19.69
N GLU A 73 -5.99 6.75 20.37
CA GLU A 73 -5.42 8.08 20.28
C GLU A 73 -4.41 8.22 19.15
N ALA A 74 -3.79 7.13 18.72
CA ALA A 74 -2.70 7.21 17.77
C ALA A 74 -2.70 5.99 16.87
N LEU A 75 -2.07 6.15 15.70
CA LEU A 75 -1.84 5.07 14.76
C LEU A 75 -0.35 5.03 14.47
N ILE A 76 0.25 3.86 14.65
CA ILE A 76 1.68 3.66 14.44
C ILE A 76 1.87 2.68 13.29
N LEU A 77 2.67 3.07 12.32
CA LEU A 77 2.98 2.24 11.15
C LEU A 77 4.42 1.77 11.26
N SER A 78 4.63 0.46 11.10
CA SER A 78 5.99 -0.08 11.23
C SER A 78 6.83 0.22 10.00
N HIS A 79 6.29 0.00 8.80
CA HIS A 79 7.03 0.20 7.56
C HIS A 79 6.08 0.26 6.37
N PRO A 80 6.54 0.65 5.15
CA PRO A 80 5.57 1.00 4.09
C PRO A 80 5.02 -0.16 3.27
N HIS A 81 5.14 -1.40 3.73
CA HIS A 81 4.71 -2.52 2.92
C HIS A 81 3.18 -2.63 2.87
N TRP A 82 2.67 -3.00 1.70
CA TRP A 82 1.24 -3.03 1.43
C TRP A 82 0.44 -3.75 2.52
N ASP A 83 1.01 -4.79 3.11
CA ASP A 83 0.28 -5.60 4.08
C ASP A 83 0.35 -5.04 5.49
N HIS A 84 0.83 -3.80 5.65
CA HIS A 84 0.78 -3.12 6.93
C HIS A 84 0.11 -1.75 6.86
N ILE A 85 0.07 -1.12 5.68
CA ILE A 85 -0.60 0.15 5.48
C ILE A 85 -1.87 0.00 4.65
N GLY A 86 -2.25 -1.24 4.32
CA GLY A 86 -3.40 -1.47 3.47
C GLY A 86 -4.73 -1.04 4.05
N GLY A 87 -4.80 -0.85 5.36
CA GLY A 87 -6.02 -0.44 6.02
C GLY A 87 -6.06 0.99 6.52
N VAL A 88 -5.06 1.81 6.18
CA VAL A 88 -4.95 3.14 6.76
C VAL A 88 -6.14 4.00 6.35
N ASP A 89 -6.50 3.99 5.07
CA ASP A 89 -7.58 4.87 4.61
C ASP A 89 -8.91 4.52 5.27
N SER A 90 -9.19 3.23 5.45
CA SER A 90 -10.43 2.83 6.12
C SER A 90 -10.46 3.28 7.57
N VAL A 91 -9.32 3.21 8.26
CA VAL A 91 -9.28 3.60 9.67
C VAL A 91 -9.45 5.11 9.82
N LEU A 92 -8.81 5.89 8.94
CA LEU A 92 -8.88 7.34 9.08
C LEU A 92 -10.22 7.90 8.65
N GLU A 93 -10.96 7.19 7.79
CA GLU A 93 -12.30 7.65 7.43
C GLU A 93 -13.23 7.62 8.64
N VAL A 94 -13.18 6.54 9.44
CA VAL A 94 -14.09 6.45 10.58
C VAL A 94 -13.52 7.16 11.80
N HIS A 95 -12.19 7.27 11.93
CA HIS A 95 -11.57 7.88 13.10
C HIS A 95 -10.36 8.69 12.70
N PRO A 96 -10.57 9.87 12.10
CA PRO A 96 -9.44 10.71 11.69
C PRO A 96 -8.73 11.40 12.84
N GLN A 97 -9.40 11.58 13.98
CA GLN A 97 -8.85 12.36 15.11
C GLN A 97 -7.82 11.52 15.86
N MET A 98 -6.71 11.25 15.17
CA MET A 98 -5.62 10.46 15.71
C MET A 98 -4.31 11.13 15.32
N HIS A 99 -3.29 10.95 16.15
CA HIS A 99 -1.93 11.33 15.79
C HIS A 99 -1.23 10.14 15.17
N LEU A 100 -0.40 10.41 14.16
CA LEU A 100 0.28 9.34 13.43
C LEU A 100 1.77 9.39 13.68
N PHE A 101 2.36 8.20 13.80
CA PHE A 101 3.81 8.04 13.91
C PHE A 101 4.25 7.10 12.81
N VAL A 102 5.02 7.61 11.85
CA VAL A 102 5.41 6.83 10.67
C VAL A 102 6.92 6.89 10.49
N PRO A 103 7.53 5.87 9.90
CA PRO A 103 8.96 5.95 9.59
C PRO A 103 9.23 6.85 8.40
N ASN A 104 10.46 7.36 8.33
CA ASN A 104 10.81 8.27 7.25
C ASN A 104 10.96 7.58 5.90
N SER A 105 10.83 6.25 5.86
CA SER A 105 10.81 5.52 4.60
C SER A 105 9.47 5.65 3.88
N LEU A 106 8.47 6.24 4.51
CA LEU A 106 7.20 6.49 3.84
C LEU A 106 7.38 7.55 2.78
N SER A 107 6.65 7.38 1.67
CA SER A 107 6.64 8.41 0.64
C SER A 107 6.28 9.76 1.24
N LYS A 108 7.03 10.80 0.85
CA LYS A 108 6.68 12.14 1.31
C LYS A 108 5.34 12.58 0.76
N HIS A 109 4.93 12.03 -0.39
CA HIS A 109 3.60 12.29 -0.91
C HIS A 109 2.53 11.70 0.00
N LEU A 110 2.79 10.49 0.53
CA LEU A 110 1.84 9.87 1.45
C LEU A 110 1.82 10.60 2.79
N ILE A 111 2.98 11.05 3.27
CA ILE A 111 3.04 11.79 4.52
C ILE A 111 2.27 13.11 4.39
N ARG A 112 2.46 13.80 3.26
CA ARG A 112 1.71 15.04 3.01
C ARG A 112 0.22 14.79 3.09
N ASP A 113 -0.25 13.70 2.47
CA ASP A 113 -1.68 13.40 2.46
C ASP A 113 -2.20 13.06 3.85
N LEU A 114 -1.43 12.29 4.62
CA LEU A 114 -1.89 11.92 5.96
C LEU A 114 -1.94 13.13 6.88
N ASN A 115 -1.05 14.10 6.69
CA ASN A 115 -1.07 15.30 7.50
C ASN A 115 -2.39 16.05 7.33
N ALA A 116 -2.85 16.20 6.09
CA ALA A 116 -4.07 16.95 5.82
C ALA A 116 -5.30 16.28 6.40
N GLN A 117 -5.27 14.97 6.62
CA GLN A 117 -6.46 14.24 7.06
C GLN A 117 -6.49 13.92 8.54
N THR A 118 -5.40 14.09 9.27
CA THR A 118 -5.35 13.67 10.67
C THR A 118 -4.96 14.83 11.58
N LEU A 119 -4.84 14.53 12.86
CA LEU A 119 -4.31 15.49 13.83
C LEU A 119 -2.84 15.80 13.62
N GLY A 120 -2.17 15.09 12.71
CA GLY A 120 -0.77 15.39 12.39
C GLY A 120 0.10 14.15 12.40
N VAL A 121 1.16 14.19 11.60
CA VAL A 121 2.08 13.06 11.42
C VAL A 121 3.42 13.43 12.03
N THR A 122 3.93 12.55 12.90
CA THR A 122 5.30 12.64 13.40
C THR A 122 6.14 11.63 12.62
N VAL A 123 7.20 12.10 11.98
CA VAL A 123 8.03 11.28 11.13
C VAL A 123 9.27 10.87 11.93
N ILE A 124 9.38 9.57 12.18
CA ILE A 124 10.49 9.01 12.96
C ILE A 124 11.69 8.82 12.05
N ASN A 125 12.88 9.17 12.56
CA ASN A 125 14.13 9.00 11.86
C ASN A 125 14.92 7.86 12.51
N GLU A 126 16.25 7.92 12.39
CA GLU A 126 17.08 6.81 12.87
C GLU A 126 17.19 6.77 14.38
N SER A 127 16.98 7.89 15.06
CA SER A 127 17.14 7.91 16.51
C SER A 127 15.91 7.30 17.18
N PRO A 128 16.12 6.50 18.23
CA PRO A 128 14.99 6.11 19.08
C PRO A 128 14.26 7.34 19.59
N GLN A 129 13.01 7.15 20.02
CA GLN A 129 12.15 8.30 20.27
C GLN A 129 10.93 7.83 21.04
N GLN A 130 10.56 8.59 22.06
CA GLN A 130 9.30 8.34 22.75
C GLN A 130 8.17 8.89 21.90
N LEU A 131 7.06 8.15 21.87
CA LEU A 131 5.87 8.53 21.12
C LEU A 131 4.68 8.83 22.02
N LEU A 132 4.49 8.02 23.05
CA LEU A 132 3.34 8.11 23.93
C LEU A 132 3.81 7.79 25.32
N PRO A 133 2.95 7.95 26.35
CA PRO A 133 3.31 7.45 27.68
C PRO A 133 3.69 5.98 27.66
N SER A 134 4.91 5.67 28.09
CA SER A 134 5.48 4.33 28.17
C SER A 134 5.68 3.65 26.83
N VAL A 135 5.60 4.39 25.72
CA VAL A 135 5.64 3.79 24.39
C VAL A 135 6.71 4.49 23.57
N TYR A 136 7.68 3.72 23.09
CA TYR A 136 8.84 4.23 22.39
C TYR A 136 8.96 3.55 21.03
N SER A 137 9.59 4.25 20.09
CA SER A 137 9.99 3.67 18.82
C SER A 137 11.50 3.42 18.82
N THR A 138 11.90 2.28 18.26
CA THR A 138 13.32 1.98 18.06
C THR A 138 14.01 3.02 17.19
N GLY A 139 13.27 3.81 16.44
CA GLY A 139 13.82 4.52 15.31
C GLY A 139 13.83 3.64 14.07
N VAL A 140 14.01 4.30 12.93
CA VAL A 140 14.01 3.61 11.64
C VAL A 140 15.27 2.76 11.53
N MET A 141 15.09 1.47 11.26
CA MET A 141 16.21 0.54 11.13
C MET A 141 16.12 -0.21 9.80
N GLY A 142 17.28 -0.68 9.34
CA GLY A 142 17.34 -1.54 8.16
C GLY A 142 17.30 -0.76 6.86
N ASP A 143 17.47 -1.51 5.77
CA ASP A 143 17.44 -0.89 4.44
C ASP A 143 16.02 -0.45 4.07
N ILE A 144 15.01 -1.26 4.41
CA ILE A 144 13.65 -0.88 4.08
C ILE A 144 13.18 0.28 4.95
N GLY A 145 13.76 0.44 6.13
CA GLY A 145 13.36 1.51 7.02
C GLY A 145 12.16 1.15 7.87
N GLU A 146 12.36 0.26 8.85
CA GLU A 146 11.28 -0.25 9.68
C GLU A 146 11.52 0.14 11.13
N GLN A 147 10.47 0.64 11.78
CA GLN A 147 10.49 0.95 13.20
C GLN A 147 9.68 -0.09 13.95
N SER A 148 10.12 -0.43 15.15
CA SER A 148 9.39 -1.29 16.07
C SER A 148 9.11 -0.51 17.35
N ILE A 149 8.06 -0.90 18.08
CA ILE A 149 7.66 -0.19 19.28
C ILE A 149 8.10 -0.96 20.51
N VAL A 150 8.51 -0.22 21.53
CA VAL A 150 8.97 -0.77 22.79
C VAL A 150 8.06 -0.19 23.86
N ILE A 151 7.29 -1.06 24.52
CA ILE A 151 6.40 -0.64 25.59
C ILE A 151 7.07 -0.91 26.92
N ASP A 152 7.18 0.13 27.73
CA ASP A 152 7.80 0.04 29.06
C ASP A 152 6.72 -0.38 30.05
N THR A 153 6.85 -1.58 30.62
CA THR A 153 5.89 -2.09 31.58
C THR A 153 6.58 -2.44 32.89
N GLU A 154 5.76 -2.70 33.91
CA GLU A 154 6.28 -3.06 35.22
C GLU A 154 6.80 -4.49 35.26
N LYS A 155 6.60 -5.27 34.20
CA LYS A 155 7.16 -6.61 34.08
C LYS A 155 8.37 -6.65 33.14
N GLY A 156 8.79 -5.51 32.62
CA GLY A 156 9.82 -5.45 31.61
C GLY A 156 9.28 -4.92 30.29
N LEU A 157 10.11 -5.02 29.26
CA LEU A 157 9.77 -4.45 27.96
C LEU A 157 8.89 -5.41 27.16
N VAL A 158 7.94 -4.84 26.43
CA VAL A 158 7.14 -5.55 25.45
C VAL A 158 7.47 -4.93 24.11
N VAL A 159 8.08 -5.73 23.22
CA VAL A 159 8.55 -5.26 21.92
C VAL A 159 7.65 -5.87 20.85
N ILE A 160 7.02 -5.00 20.05
CA ILE A 160 6.12 -5.41 18.98
C ILE A 160 6.76 -5.03 17.66
N THR A 161 6.75 -5.97 16.71
CA THR A 161 7.39 -5.76 15.42
C THR A 161 6.46 -6.16 14.30
N GLY A 162 6.49 -5.40 13.21
CA GLY A 162 5.69 -5.70 12.03
C GLY A 162 6.17 -6.93 11.27
N CYS A 163 7.23 -6.79 10.47
CA CYS A 163 7.86 -7.93 9.81
C CYS A 163 9.31 -8.12 10.20
N ALA A 164 9.93 -7.16 10.92
CA ALA A 164 11.27 -7.34 11.50
C ALA A 164 12.33 -7.55 10.42
N HIS A 165 12.20 -6.81 9.32
CA HIS A 165 13.21 -6.83 8.27
C HIS A 165 14.63 -6.58 8.77
N PRO A 166 14.90 -5.63 9.67
CA PRO A 166 16.28 -5.43 10.13
C PRO A 166 16.87 -6.63 10.87
N GLY A 167 16.07 -7.64 11.20
CA GLY A 167 16.56 -8.74 12.00
C GLY A 167 16.02 -8.67 13.41
N ILE A 168 15.31 -9.72 13.84
CA ILE A 168 14.65 -9.69 15.15
C ILE A 168 15.67 -9.58 16.27
N GLU A 169 16.86 -10.18 16.11
CA GLU A 169 17.85 -10.12 17.17
C GLU A 169 18.45 -8.72 17.31
N HIS A 170 18.52 -7.95 16.22
CA HIS A 170 18.98 -6.58 16.32
C HIS A 170 17.90 -5.69 16.92
N ILE A 171 16.63 -5.95 16.63
CA ILE A 171 15.55 -5.18 17.22
C ILE A 171 15.45 -5.47 18.72
N ALA A 172 15.65 -6.72 19.11
CA ALA A 172 15.70 -7.04 20.54
C ALA A 172 16.81 -6.27 21.22
N ALA A 173 18.03 -6.33 20.67
CA ALA A 173 19.17 -5.65 21.28
C ALA A 173 18.95 -4.15 21.36
N ARG A 174 18.45 -3.53 20.28
CA ARG A 174 18.19 -2.10 20.29
C ARG A 174 17.24 -1.72 21.41
N SER A 175 16.16 -2.49 21.57
CA SER A 175 15.18 -2.18 22.62
C SER A 175 15.81 -2.22 24.00
N ILE A 176 16.66 -3.23 24.25
CA ILE A 176 17.29 -3.35 25.56
C ILE A 176 18.27 -2.22 25.81
N GLU A 177 19.06 -1.85 24.78
CA GLU A 177 19.92 -0.68 24.90
C GLU A 177 19.10 0.57 25.24
N MET A 178 17.93 0.72 24.62
CA MET A 178 17.15 1.94 24.76
C MET A 178 16.77 2.22 26.21
N LEU A 179 16.29 1.19 26.92
CA LEU A 179 15.63 1.41 28.21
C LEU A 179 16.23 0.62 29.37
N GLN A 180 17.27 -0.19 29.12
CA GLN A 180 17.99 -0.90 30.18
C GLN A 180 17.05 -1.72 31.07
N LYS A 181 16.19 -2.49 30.43
CA LYS A 181 15.27 -3.41 31.08
C LYS A 181 15.25 -4.70 30.27
N PRO A 182 15.05 -5.85 30.93
CA PRO A 182 14.89 -7.09 30.17
C PRO A 182 13.60 -7.06 29.38
N ILE A 183 13.54 -7.90 28.35
CA ILE A 183 12.37 -7.99 27.47
C ILE A 183 11.46 -9.06 28.01
N TYR A 184 10.25 -8.66 28.41
CA TYR A 184 9.26 -9.60 28.91
C TYR A 184 8.59 -10.35 27.77
N LEU A 185 8.24 -9.66 26.70
CA LEU A 185 7.53 -10.25 25.57
C LEU A 185 8.03 -9.65 24.27
N LEU A 186 8.37 -10.51 23.31
CA LEU A 186 8.77 -10.12 21.97
C LEU A 186 7.79 -10.77 21.00
N MET A 187 7.05 -9.95 20.25
CA MET A 187 5.95 -10.48 19.46
C MET A 187 5.85 -9.76 18.11
N GLY A 188 5.16 -10.41 17.18
CA GLY A 188 4.97 -9.88 15.84
C GLY A 188 5.57 -10.79 14.78
N GLY A 189 5.77 -10.25 13.58
CA GLY A 189 6.41 -11.02 12.53
C GLY A 189 7.91 -10.93 12.58
N PHE A 190 8.59 -12.08 12.62
CA PHE A 190 10.04 -12.12 12.78
C PHE A 190 10.78 -12.28 11.45
N HIS A 191 10.07 -12.43 10.32
CA HIS A 191 10.68 -12.56 8.99
C HIS A 191 11.74 -13.66 8.94
N LEU A 192 11.38 -14.84 9.46
CA LEU A 192 12.28 -15.98 9.46
C LEU A 192 11.81 -17.06 8.47
N MET A 193 11.04 -16.67 7.45
CA MET A 193 10.28 -17.64 6.67
C MET A 193 11.19 -18.53 5.84
N TYR A 194 12.22 -17.97 5.23
CA TYR A 194 13.07 -18.73 4.30
C TYR A 194 14.49 -18.91 4.85
N GLU A 195 14.61 -18.95 6.18
CA GLU A 195 15.87 -19.27 6.84
C GLU A 195 15.91 -20.75 7.14
N ASN A 196 17.08 -21.37 6.96
CA ASN A 196 17.21 -22.77 7.32
C ASN A 196 17.28 -22.93 8.84
N THR A 197 17.10 -24.16 9.29
CA THR A 197 17.03 -24.44 10.72
C THR A 197 18.32 -24.03 11.44
N ALA A 198 19.45 -24.00 10.72
CA ALA A 198 20.71 -23.65 11.36
C ALA A 198 20.71 -22.20 11.82
N ARG A 199 20.23 -21.28 10.96
CA ARG A 199 20.26 -19.88 11.40
C ARG A 199 19.10 -19.52 12.30
N ILE A 200 17.94 -20.17 12.14
CA ILE A 200 16.88 -19.98 13.12
C ILE A 200 17.39 -20.34 14.52
N SER A 201 18.25 -21.35 14.60
CA SER A 201 18.79 -21.77 15.89
C SER A 201 19.74 -20.73 16.48
N GLU A 202 20.58 -20.10 15.66
CA GLU A 202 21.46 -19.07 16.21
C GLU A 202 20.67 -17.81 16.55
N VAL A 203 19.59 -17.53 15.81
CA VAL A 203 18.70 -16.46 16.22
C VAL A 203 18.09 -16.76 17.59
N ILE A 204 17.63 -18.00 17.77
CA ILE A 204 16.96 -18.39 19.00
C ILE A 204 17.90 -18.25 20.19
N GLU A 205 19.15 -18.69 20.05
CA GLU A 205 20.05 -18.62 21.18
C GLU A 205 20.65 -17.23 21.37
N THR A 206 20.68 -16.40 20.32
CA THR A 206 20.93 -14.98 20.54
C THR A 206 19.83 -14.35 21.39
N LEU A 207 18.57 -14.68 21.10
CA LEU A 207 17.47 -14.20 21.94
C LEU A 207 17.55 -14.76 23.35
N ASP A 208 18.09 -15.97 23.51
CA ASP A 208 18.30 -16.51 24.84
C ASP A 208 19.35 -15.72 25.60
N GLU A 209 20.49 -15.44 24.95
CA GLU A 209 21.54 -14.65 25.58
C GLU A 209 21.03 -13.26 25.96
N LEU A 210 20.17 -12.68 25.12
CA LEU A 210 19.55 -11.40 25.47
C LEU A 210 18.53 -11.54 26.59
N GLY A 211 18.11 -12.76 26.93
CA GLY A 211 17.21 -12.96 28.05
C GLY A 211 15.75 -12.75 27.76
N ILE A 212 15.31 -12.93 26.52
CA ILE A 212 13.90 -12.81 26.21
C ILE A 212 13.11 -13.83 27.03
N GLN A 213 12.06 -13.35 27.71
CA GLN A 213 11.31 -14.25 28.58
C GLN A 213 10.13 -14.90 27.87
N ASN A 214 9.44 -14.19 26.99
CA ASN A 214 8.32 -14.75 26.24
C ASN A 214 8.36 -14.27 24.80
N VAL A 215 7.93 -15.13 23.89
CA VAL A 215 7.84 -14.79 22.47
C VAL A 215 6.44 -15.12 21.97
N CYS A 216 6.03 -14.39 20.94
CA CYS A 216 4.82 -14.70 20.19
C CYS A 216 5.11 -14.41 18.73
N PRO A 217 5.80 -15.32 18.04
CA PRO A 217 6.05 -15.11 16.59
C PRO A 217 4.79 -15.42 15.80
N THR A 218 4.46 -14.53 14.87
CA THR A 218 3.27 -14.66 14.04
C THR A 218 3.56 -14.00 12.70
N HIS A 219 2.51 -13.75 11.91
CA HIS A 219 2.61 -13.09 10.61
C HIS A 219 3.70 -13.73 9.74
N CYS A 220 4.77 -12.99 9.42
CA CYS A 220 5.74 -13.50 8.46
C CYS A 220 6.85 -14.34 9.08
N SER A 221 6.58 -14.95 10.24
CA SER A 221 7.63 -15.65 10.98
C SER A 221 8.04 -16.94 10.28
N GLY A 222 7.06 -17.69 9.75
CA GLY A 222 7.37 -18.94 9.11
C GLY A 222 7.10 -20.15 10.00
N ASP A 223 6.39 -21.14 9.46
CA ASP A 223 5.99 -22.29 10.27
C ASP A 223 7.19 -23.12 10.73
N LEU A 224 8.27 -23.11 9.97
CA LEU A 224 9.49 -23.79 10.41
C LEU A 224 10.03 -23.12 11.68
N ALA A 225 10.22 -21.80 11.64
CA ALA A 225 10.73 -21.10 12.81
C ALA A 225 9.75 -21.20 13.98
N ILE A 226 8.45 -21.05 13.73
CA ILE A 226 7.48 -21.05 14.81
C ILE A 226 7.54 -22.37 15.57
N SER A 227 7.73 -23.48 14.85
CA SER A 227 7.80 -24.79 15.51
C SER A 227 9.08 -24.92 16.33
N MET A 228 10.21 -24.47 15.78
CA MET A 228 11.44 -24.46 16.55
C MET A 228 11.34 -23.55 17.77
N PHE A 229 10.62 -22.42 17.63
CA PHE A 229 10.43 -21.51 18.75
C PHE A 229 9.59 -22.16 19.84
N LYS A 230 8.53 -22.87 19.46
CA LYS A 230 7.65 -23.49 20.44
C LYS A 230 8.30 -24.70 21.10
N SER A 231 9.23 -25.37 20.41
CA SER A 231 9.99 -26.45 21.05
C SER A 231 11.04 -25.92 22.01
N HIS A 232 11.61 -24.75 21.72
CA HIS A 232 12.65 -24.20 22.58
C HIS A 232 12.06 -23.49 23.80
N PHE A 233 10.96 -22.76 23.62
CA PHE A 233 10.41 -21.94 24.68
C PHE A 233 9.26 -22.58 25.43
N GLY A 234 8.65 -23.63 24.88
CA GLY A 234 7.56 -24.29 25.59
C GLY A 234 6.39 -23.34 25.80
N ASP A 235 5.89 -23.29 27.04
CA ASP A 235 4.77 -22.41 27.34
C ASP A 235 5.15 -20.93 27.22
N ARG A 236 6.44 -20.60 27.29
CA ARG A 236 6.88 -19.22 27.07
C ARG A 236 6.75 -18.77 25.62
N CYS A 237 6.35 -19.66 24.71
CA CYS A 237 6.00 -19.28 23.34
C CYS A 237 4.49 -19.28 23.22
N LEU A 238 3.93 -18.11 22.88
CA LEU A 238 2.48 -17.91 22.87
C LEU A 238 1.94 -18.03 21.45
N GLN A 239 0.76 -18.64 21.34
CA GLN A 239 0.09 -18.74 20.05
C GLN A 239 -0.46 -17.37 19.63
N GLY A 240 -0.18 -16.98 18.39
CA GLY A 240 -0.69 -15.74 17.84
C GLY A 240 -2.03 -15.93 17.15
N GLY A 241 -2.29 -15.04 16.20
CA GLY A 241 -3.48 -15.14 15.38
C GLY A 241 -4.57 -14.16 15.79
N ILE A 242 -5.53 -13.98 14.89
CA ILE A 242 -6.62 -13.04 15.13
C ILE A 242 -7.40 -13.45 16.37
N GLY A 243 -7.74 -12.46 17.20
CA GLY A 243 -8.50 -12.68 18.41
C GLY A 243 -7.66 -13.04 19.61
N ARG A 244 -6.38 -13.30 19.44
CA ARG A 244 -5.49 -13.52 20.58
C ARG A 244 -5.39 -12.24 21.40
N VAL A 245 -5.66 -12.37 22.71
CA VAL A 245 -5.54 -11.27 23.64
C VAL A 245 -4.43 -11.61 24.61
N ILE A 246 -3.41 -10.75 24.67
CA ILE A 246 -2.29 -10.92 25.59
C ILE A 246 -2.39 -9.84 26.65
N THR A 247 -2.45 -10.27 27.91
CA THR A 247 -2.52 -9.36 29.05
C THR A 247 -1.17 -9.38 29.77
N ILE A 248 -0.64 -8.19 30.05
CA ILE A 248 0.66 -8.09 30.69
C ILE A 248 0.50 -7.79 32.19
N HIS B 8 -7.91 -1.55 -41.15
CA HIS B 8 -8.13 -2.99 -41.17
C HIS B 8 -7.74 -3.62 -39.81
N HIS B 9 -8.43 -3.20 -38.75
CA HIS B 9 -8.18 -3.66 -37.39
C HIS B 9 -9.51 -3.94 -36.70
N MET B 10 -9.46 -4.79 -35.66
CA MET B 10 -10.62 -5.05 -34.80
C MET B 10 -10.70 -4.01 -33.68
N ALA B 11 -10.89 -2.76 -34.08
CA ALA B 11 -10.77 -1.64 -33.15
C ALA B 11 -12.09 -1.40 -32.41
N SER B 12 -12.09 -0.34 -31.60
CA SER B 12 -13.22 0.00 -30.75
C SER B 12 -14.04 1.13 -31.37
N ASN B 13 -15.36 1.02 -31.23
CA ASN B 13 -16.29 2.02 -31.77
C ASN B 13 -16.16 3.35 -31.05
N THR B 14 -16.54 3.36 -29.77
CA THR B 14 -16.42 4.53 -28.92
C THR B 14 -15.65 4.13 -27.67
N VAL B 15 -14.74 5.00 -27.24
CA VAL B 15 -14.02 4.82 -25.98
C VAL B 15 -14.22 6.07 -25.14
N LYS B 16 -14.69 5.89 -23.91
CA LYS B 16 -14.91 6.98 -22.97
C LYS B 16 -14.05 6.72 -21.74
N ILE B 17 -13.10 7.62 -21.48
CA ILE B 17 -12.19 7.49 -20.34
C ILE B 17 -12.49 8.58 -19.34
N THR B 18 -12.65 8.19 -18.07
CA THR B 18 -12.95 9.12 -16.99
C THR B 18 -11.89 9.00 -15.92
N ILE B 19 -11.14 10.08 -15.68
CA ILE B 19 -10.20 10.09 -14.57
C ILE B 19 -11.00 10.18 -13.27
N SER B 20 -10.82 9.19 -12.40
CA SER B 20 -11.59 9.11 -11.17
C SER B 20 -10.75 9.28 -9.91
N PHE B 21 -9.43 9.35 -10.03
CA PHE B 21 -8.55 9.61 -8.90
C PHE B 21 -7.27 10.22 -9.45
N ASP B 22 -6.82 11.32 -8.83
CA ASP B 22 -5.70 12.07 -9.36
C ASP B 22 -5.29 13.11 -8.32
N ASN B 23 -4.06 13.59 -8.43
CA ASN B 23 -3.61 14.70 -7.61
C ASN B 23 -3.89 16.06 -8.26
N TYR B 24 -4.50 16.08 -9.44
CA TYR B 24 -5.08 17.28 -10.01
C TYR B 24 -6.60 17.12 -10.08
N ALA B 25 -7.30 18.26 -10.07
CA ALA B 25 -8.76 18.28 -10.13
C ALA B 25 -9.20 19.00 -11.39
N TYR B 26 -9.91 18.28 -12.26
CA TYR B 26 -10.53 18.91 -13.42
C TYR B 26 -11.87 19.54 -13.08
N LEU B 27 -12.54 19.05 -12.04
CA LEU B 27 -13.87 19.51 -11.65
C LEU B 27 -13.87 19.91 -10.18
N GLU B 28 -14.74 20.87 -9.86
CA GLU B 28 -14.98 21.23 -8.46
C GLU B 28 -15.62 20.07 -7.71
N GLY B 29 -15.38 20.04 -6.41
CA GLY B 29 -16.06 19.11 -5.53
C GLY B 29 -15.38 17.78 -5.31
N PHE B 30 -14.06 17.69 -5.52
CA PHE B 30 -13.34 16.44 -5.40
C PHE B 30 -12.08 16.63 -4.58
N GLN B 31 -11.81 15.68 -3.68
CA GLN B 31 -10.60 15.74 -2.88
C GLN B 31 -9.43 15.22 -3.70
N THR B 32 -8.50 16.12 -4.00
CA THR B 32 -7.28 15.73 -4.67
C THR B 32 -6.38 14.94 -3.72
N LEU B 33 -5.79 13.87 -4.22
CA LEU B 33 -4.86 13.05 -3.44
C LEU B 33 -3.84 12.43 -4.40
N TRP B 34 -2.73 11.97 -3.83
CA TRP B 34 -1.66 11.43 -4.67
C TRP B 34 -2.02 10.03 -5.15
N GLY B 35 -2.10 9.88 -6.46
CA GLY B 35 -2.44 8.59 -7.05
C GLY B 35 -3.11 8.78 -8.40
N PHE B 36 -3.44 7.64 -9.01
CA PHE B 36 -4.11 7.64 -10.30
C PHE B 36 -5.11 6.49 -10.35
N SER B 37 -6.19 6.72 -11.09
CA SER B 37 -7.15 5.69 -11.43
C SER B 37 -8.03 6.26 -12.53
N CYS B 38 -8.44 5.41 -13.47
CA CYS B 38 -9.41 5.87 -14.46
C CYS B 38 -10.35 4.75 -14.85
N PHE B 39 -11.57 5.15 -15.18
CA PHE B 39 -12.68 4.26 -15.52
C PHE B 39 -12.85 4.31 -17.02
N VAL B 40 -12.83 3.13 -17.66
CA VAL B 40 -12.85 3.04 -19.12
C VAL B 40 -14.11 2.31 -19.56
N GLU B 41 -14.89 2.96 -20.40
CA GLU B 41 -16.09 2.39 -21.01
C GLU B 41 -15.89 2.32 -22.52
N THR B 42 -16.06 1.14 -23.09
CA THR B 42 -16.08 0.97 -24.53
C THR B 42 -17.39 0.28 -24.92
N ASP B 43 -17.59 0.15 -26.24
CA ASP B 43 -18.76 -0.57 -26.73
C ASP B 43 -18.65 -2.07 -26.54
N GLU B 44 -17.51 -2.57 -26.08
CA GLU B 44 -17.31 -4.00 -25.86
C GLU B 44 -16.98 -4.36 -24.42
N THR B 45 -16.40 -3.45 -23.63
CA THR B 45 -16.02 -3.78 -22.27
C THR B 45 -16.01 -2.53 -21.41
N THR B 46 -15.97 -2.75 -20.09
CA THR B 46 -15.88 -1.70 -19.09
C THR B 46 -14.88 -2.16 -18.03
N PHE B 47 -13.86 -1.34 -17.76
CA PHE B 47 -12.89 -1.76 -16.76
C PHE B 47 -12.34 -0.56 -16.00
N LEU B 48 -11.80 -0.86 -14.83
CA LEU B 48 -11.12 0.10 -13.97
C LEU B 48 -9.61 -0.09 -14.14
N PHE B 49 -8.89 1.01 -14.31
CA PHE B 49 -7.43 0.97 -14.41
C PHE B 49 -6.85 1.69 -13.19
N ASP B 50 -6.21 0.92 -12.30
CA ASP B 50 -5.65 1.40 -11.04
C ASP B 50 -6.72 1.90 -10.08
N THR B 51 -6.35 2.18 -8.83
CA THR B 51 -7.33 2.42 -7.78
C THR B 51 -6.96 3.61 -6.88
N GLY B 52 -5.95 4.40 -7.23
CA GLY B 52 -5.54 5.48 -6.38
C GLY B 52 -4.84 5.00 -5.11
N SER B 53 -4.67 5.95 -4.18
CA SER B 53 -4.05 5.67 -2.89
C SER B 53 -5.06 5.46 -1.78
N ASN B 54 -6.34 5.74 -2.02
CA ASN B 54 -7.35 5.79 -0.97
C ASN B 54 -8.67 5.31 -1.57
N GLY B 55 -9.10 4.10 -1.20
CA GLY B 55 -10.31 3.55 -1.76
C GLY B 55 -11.58 4.21 -1.28
N ARG B 56 -11.56 4.83 -0.10
CA ARG B 56 -12.75 5.53 0.38
C ARG B 56 -13.00 6.79 -0.45
N VAL B 57 -11.95 7.55 -0.73
CA VAL B 57 -12.08 8.70 -1.63
C VAL B 57 -12.40 8.24 -3.04
N LEU B 58 -11.82 7.11 -3.47
CA LEU B 58 -12.10 6.60 -4.81
C LEU B 58 -13.57 6.28 -5.00
N LEU B 59 -14.19 5.58 -4.02
CA LEU B 59 -15.62 5.32 -4.12
C LEU B 59 -16.41 6.62 -4.09
N GLN B 60 -16.01 7.54 -3.22
CA GLN B 60 -16.67 8.83 -3.13
C GLN B 60 -16.59 9.56 -4.47
N ASN B 61 -15.40 9.60 -5.07
CA ASN B 61 -15.24 10.22 -6.38
C ASN B 61 -16.19 9.62 -7.41
N MET B 62 -16.32 8.29 -7.41
CA MET B 62 -17.11 7.63 -8.45
C MET B 62 -18.60 7.91 -8.27
N GLN B 63 -19.08 7.95 -7.02
CA GLN B 63 -20.47 8.34 -6.78
C GLN B 63 -20.73 9.76 -7.30
N GLN B 64 -19.80 10.68 -7.05
CA GLN B 64 -19.95 12.06 -7.51
C GLN B 64 -19.81 12.19 -9.02
N LEU B 65 -19.25 11.19 -9.70
CA LEU B 65 -19.09 11.20 -11.14
C LEU B 65 -20.13 10.34 -11.85
N ASP B 66 -21.07 9.75 -11.12
CA ASP B 66 -22.09 8.86 -11.69
C ASP B 66 -21.44 7.67 -12.39
N ILE B 67 -20.35 7.18 -11.82
CA ILE B 67 -19.67 6.00 -12.35
C ILE B 67 -20.24 4.78 -11.65
N ASP B 68 -20.80 3.85 -12.43
CA ASP B 68 -21.36 2.62 -11.87
C ASP B 68 -20.26 1.55 -11.84
N LEU B 69 -19.68 1.36 -10.65
CA LEU B 69 -18.58 0.41 -10.51
C LEU B 69 -19.02 -1.02 -10.80
N LYS B 70 -20.29 -1.35 -10.49
CA LYS B 70 -20.76 -2.72 -10.71
C LYS B 70 -20.86 -3.08 -12.19
N LYS B 71 -20.84 -2.09 -13.08
CA LYS B 71 -20.80 -2.35 -14.52
C LYS B 71 -19.42 -2.76 -15.00
N ALA B 72 -18.41 -2.72 -14.14
CA ALA B 72 -17.04 -2.99 -14.56
C ALA B 72 -16.76 -4.49 -14.57
N GLU B 73 -16.17 -4.97 -15.67
CA GLU B 73 -15.86 -6.39 -15.82
C GLU B 73 -14.49 -6.75 -15.27
N ALA B 74 -13.52 -5.85 -15.33
CA ALA B 74 -12.16 -6.19 -14.95
C ALA B 74 -11.49 -5.03 -14.23
N LEU B 75 -10.51 -5.38 -13.39
CA LEU B 75 -9.64 -4.42 -12.72
C LEU B 75 -8.21 -4.69 -13.18
N ILE B 76 -7.58 -3.68 -13.77
CA ILE B 76 -6.21 -3.77 -14.24
C ILE B 76 -5.33 -2.91 -13.33
N LEU B 77 -4.26 -3.50 -12.82
CA LEU B 77 -3.28 -2.81 -11.98
C LEU B 77 -1.97 -2.64 -12.72
N SER B 78 -1.38 -1.45 -12.64
CA SER B 78 -0.19 -1.15 -13.43
C SER B 78 1.10 -1.57 -12.73
N HIS B 79 1.23 -1.32 -11.43
CA HIS B 79 2.43 -1.69 -10.68
C HIS B 79 2.12 -1.59 -9.19
N PRO B 80 2.95 -2.22 -8.32
CA PRO B 80 2.53 -2.42 -6.92
C PRO B 80 2.64 -1.22 -5.99
N HIS B 81 2.74 0.00 -6.51
CA HIS B 81 2.95 1.16 -5.66
C HIS B 81 1.68 1.53 -4.90
N TRP B 82 1.87 2.06 -3.68
CA TRP B 82 0.77 2.38 -2.78
C TRP B 82 -0.27 3.28 -3.43
N ASP B 83 0.15 4.17 -4.32
CA ASP B 83 -0.78 5.15 -4.88
C ASP B 83 -1.53 4.61 -6.10
N HIS B 84 -1.42 3.31 -6.39
CA HIS B 84 -2.20 2.71 -7.45
C HIS B 84 -2.99 1.49 -7.03
N ILE B 85 -2.59 0.82 -5.95
CA ILE B 85 -3.33 -0.31 -5.39
C ILE B 85 -3.99 0.06 -4.07
N GLY B 86 -3.91 1.33 -3.67
CA GLY B 86 -4.44 1.75 -2.38
C GLY B 86 -5.95 1.69 -2.24
N GLY B 87 -6.68 1.39 -3.31
CA GLY B 87 -8.12 1.32 -3.24
C GLY B 87 -8.70 -0.03 -3.58
N VAL B 88 -7.84 -1.04 -3.76
CA VAL B 88 -8.28 -2.34 -4.24
C VAL B 88 -9.28 -2.96 -3.27
N ASP B 89 -8.98 -2.90 -1.97
CA ASP B 89 -9.84 -3.57 -0.99
C ASP B 89 -11.25 -2.96 -0.99
N SER B 90 -11.34 -1.63 -1.03
CA SER B 90 -12.66 -0.98 -1.07
C SER B 90 -13.42 -1.33 -2.34
N VAL B 91 -12.72 -1.40 -3.47
CA VAL B 91 -13.36 -1.71 -4.75
C VAL B 91 -13.90 -3.13 -4.74
N LEU B 92 -13.08 -4.09 -4.28
CA LEU B 92 -13.49 -5.49 -4.33
C LEU B 92 -14.53 -5.85 -3.28
N GLU B 93 -14.62 -5.08 -2.20
CA GLU B 93 -15.70 -5.32 -1.24
C GLU B 93 -17.06 -5.07 -1.90
N VAL B 94 -17.19 -3.98 -2.65
CA VAL B 94 -18.47 -3.64 -3.24
C VAL B 94 -18.72 -4.36 -4.57
N HIS B 95 -17.66 -4.83 -5.25
CA HIS B 95 -17.80 -5.44 -6.57
C HIS B 95 -16.73 -6.51 -6.74
N PRO B 96 -16.86 -7.64 -6.03
CA PRO B 96 -15.83 -8.69 -6.15
C PRO B 96 -15.89 -9.46 -7.45
N GLN B 97 -17.03 -9.46 -8.14
CA GLN B 97 -17.22 -10.25 -9.36
C GLN B 97 -16.51 -9.55 -10.52
N MET B 98 -15.18 -9.56 -10.46
CA MET B 98 -14.34 -8.99 -11.50
C MET B 98 -13.17 -9.92 -11.74
N HIS B 99 -12.71 -9.97 -12.99
CA HIS B 99 -11.42 -10.58 -13.31
C HIS B 99 -10.32 -9.52 -13.16
N LEU B 100 -9.18 -9.92 -12.62
CA LEU B 100 -8.09 -8.99 -12.38
C LEU B 100 -6.90 -9.29 -13.29
N PHE B 101 -6.21 -8.23 -13.69
CA PHE B 101 -5.02 -8.33 -14.53
C PHE B 101 -3.91 -7.54 -13.83
N VAL B 102 -2.90 -8.25 -13.34
CA VAL B 102 -1.86 -7.63 -12.51
C VAL B 102 -0.49 -8.04 -13.04
N PRO B 103 0.54 -7.24 -12.74
CA PRO B 103 1.90 -7.62 -13.15
C PRO B 103 2.52 -8.61 -12.17
N ASN B 104 3.49 -9.37 -12.68
CA ASN B 104 4.17 -10.35 -11.83
C ASN B 104 5.03 -9.69 -10.76
N SER B 105 5.25 -8.38 -10.86
CA SER B 105 5.89 -7.62 -9.79
C SER B 105 5.08 -7.60 -8.50
N LEU B 106 3.83 -8.06 -8.54
CA LEU B 106 2.96 -8.03 -7.38
C LEU B 106 3.28 -9.18 -6.44
N SER B 107 3.18 -8.92 -5.14
CA SER B 107 3.42 -9.95 -4.14
C SER B 107 2.54 -11.17 -4.37
N LYS B 108 3.15 -12.35 -4.25
CA LYS B 108 2.40 -13.59 -4.38
C LYS B 108 1.37 -13.73 -3.27
N HIS B 109 1.69 -13.23 -2.07
CA HIS B 109 0.71 -13.21 -0.99
C HIS B 109 -0.52 -12.41 -1.38
N LEU B 110 -0.32 -11.25 -2.01
CA LEU B 110 -1.45 -10.43 -2.44
C LEU B 110 -2.20 -11.09 -3.59
N ILE B 111 -1.46 -11.63 -4.57
CA ILE B 111 -2.10 -12.32 -5.69
C ILE B 111 -2.94 -13.49 -5.20
N ARG B 112 -2.46 -14.19 -4.17
CA ARG B 112 -3.23 -15.29 -3.61
C ARG B 112 -4.53 -14.78 -2.96
N ASP B 113 -4.42 -13.74 -2.13
CA ASP B 113 -5.60 -13.16 -1.49
C ASP B 113 -6.60 -12.67 -2.53
N LEU B 114 -6.11 -12.08 -3.63
CA LEU B 114 -7.01 -11.56 -4.65
C LEU B 114 -7.72 -12.69 -5.40
N ASN B 115 -7.02 -13.80 -5.65
CA ASN B 115 -7.63 -14.94 -6.33
C ASN B 115 -8.80 -15.49 -5.53
N ALA B 116 -8.63 -15.57 -4.21
CA ALA B 116 -9.68 -16.09 -3.33
C ALA B 116 -10.87 -15.15 -3.22
N GLN B 117 -10.76 -13.91 -3.71
CA GLN B 117 -11.81 -12.93 -3.55
C GLN B 117 -12.55 -12.60 -4.84
N THR B 118 -12.00 -12.93 -6.00
CA THR B 118 -12.53 -12.45 -7.27
C THR B 118 -12.74 -13.62 -8.23
N LEU B 119 -13.21 -13.29 -9.44
CA LEU B 119 -13.34 -14.27 -10.51
C LEU B 119 -12.00 -14.82 -10.98
N GLY B 120 -10.88 -14.27 -10.51
CA GLY B 120 -9.58 -14.81 -10.85
C GLY B 120 -8.57 -13.76 -11.27
N VAL B 121 -7.30 -14.04 -11.01
CA VAL B 121 -6.21 -13.11 -11.28
C VAL B 121 -5.38 -13.67 -12.42
N THR B 122 -5.26 -12.91 -13.50
CA THR B 122 -4.30 -13.19 -14.55
C THR B 122 -3.03 -12.39 -14.27
N VAL B 123 -1.89 -13.07 -14.23
CA VAL B 123 -0.60 -12.43 -13.99
C VAL B 123 0.08 -12.21 -15.33
N ILE B 124 0.45 -10.96 -15.61
CA ILE B 124 1.14 -10.61 -16.85
C ILE B 124 2.65 -10.65 -16.61
N ASN B 125 3.38 -11.14 -17.60
CA ASN B 125 4.83 -11.23 -17.58
C ASN B 125 5.40 -10.16 -18.51
N GLU B 126 6.60 -10.41 -19.05
CA GLU B 126 7.25 -9.48 -19.96
C GLU B 126 6.64 -9.51 -21.36
N SER B 127 5.90 -10.55 -21.70
CA SER B 127 5.30 -10.66 -23.03
C SER B 127 4.03 -9.82 -23.10
N PRO B 128 3.89 -8.91 -24.06
CA PRO B 128 2.59 -8.26 -24.30
C PRO B 128 1.48 -9.29 -24.47
N GLN B 129 0.24 -8.87 -24.24
CA GLN B 129 -0.88 -9.80 -24.30
C GLN B 129 -2.18 -9.00 -24.34
N GLN B 130 -3.15 -9.49 -25.12
CA GLN B 130 -4.48 -8.91 -25.08
C GLN B 130 -5.18 -9.36 -23.82
N LEU B 131 -5.91 -8.43 -23.20
CA LEU B 131 -6.65 -8.70 -21.97
C LEU B 131 -8.16 -8.76 -22.20
N LEU B 132 -8.70 -7.80 -22.95
CA LEU B 132 -10.12 -7.65 -23.23
C LEU B 132 -10.26 -7.30 -24.71
N PRO B 133 -11.47 -7.33 -25.29
CA PRO B 133 -11.61 -6.88 -26.68
C PRO B 133 -11.05 -5.49 -26.91
N SER B 134 -10.00 -5.41 -27.74
CA SER B 134 -9.30 -4.19 -28.15
C SER B 134 -8.44 -3.59 -27.04
N VAL B 135 -8.20 -4.31 -25.95
CA VAL B 135 -7.45 -3.78 -24.81
C VAL B 135 -6.27 -4.70 -24.54
N TYR B 136 -5.06 -4.16 -24.64
CA TYR B 136 -3.83 -4.93 -24.54
C TYR B 136 -2.97 -4.42 -23.40
N SER B 137 -2.19 -5.32 -22.83
CA SER B 137 -1.12 -4.95 -21.92
C SER B 137 0.20 -4.90 -22.68
N THR B 138 1.02 -3.90 -22.36
CA THR B 138 2.37 -3.81 -22.89
C THR B 138 3.27 -4.95 -22.41
N GLY B 139 2.81 -5.73 -21.44
CA GLY B 139 3.70 -6.59 -20.69
C GLY B 139 4.47 -5.80 -19.65
N VAL B 140 4.98 -6.53 -18.66
CA VAL B 140 5.70 -5.92 -17.55
C VAL B 140 7.04 -5.39 -18.04
N MET B 141 7.30 -4.11 -17.77
CA MET B 141 8.54 -3.46 -18.21
C MET B 141 9.22 -2.77 -17.03
N GLY B 142 10.51 -2.51 -17.21
CA GLY B 142 11.31 -1.82 -16.21
C GLY B 142 11.72 -2.71 -15.05
N ASP B 143 12.58 -2.15 -14.20
CA ASP B 143 13.01 -2.89 -13.01
C ASP B 143 11.90 -2.97 -11.97
N ILE B 144 11.09 -1.91 -11.86
CA ILE B 144 9.99 -1.95 -10.90
C ILE B 144 8.95 -2.98 -11.33
N GLY B 145 8.71 -3.10 -12.62
CA GLY B 145 7.77 -4.09 -13.11
C GLY B 145 6.39 -3.50 -13.33
N GLU B 146 6.25 -2.66 -14.35
CA GLU B 146 5.03 -1.93 -14.62
C GLU B 146 4.46 -2.32 -15.98
N GLN B 147 3.15 -2.50 -16.04
CA GLN B 147 2.44 -2.71 -17.30
C GLN B 147 1.58 -1.50 -17.59
N SER B 148 1.51 -1.12 -18.86
CA SER B 148 0.56 -0.13 -19.35
C SER B 148 -0.50 -0.84 -20.19
N ILE B 149 -1.59 -0.15 -20.47
CA ILE B 149 -2.65 -0.71 -21.29
C ILE B 149 -2.73 0.08 -22.60
N VAL B 150 -2.97 -0.65 -23.68
CA VAL B 150 -3.11 -0.09 -25.02
C VAL B 150 -4.53 -0.38 -25.48
N ILE B 151 -5.25 0.67 -25.85
CA ILE B 151 -6.60 0.54 -26.38
C ILE B 151 -6.57 0.84 -27.87
N ASP B 152 -7.06 -0.09 -28.68
CA ASP B 152 -7.05 0.03 -30.13
C ASP B 152 -8.35 0.65 -30.60
N THR B 153 -8.28 1.86 -31.15
CA THR B 153 -9.47 2.55 -31.64
C THR B 153 -9.30 2.88 -33.11
N GLU B 154 -10.40 3.33 -33.70
CA GLU B 154 -10.41 3.73 -35.11
C GLU B 154 -9.42 4.85 -35.37
N LYS B 155 -9.35 5.82 -34.47
CA LYS B 155 -8.45 6.96 -34.63
C LYS B 155 -7.00 6.63 -34.31
N GLY B 156 -6.71 5.41 -33.90
CA GLY B 156 -5.37 5.00 -33.50
C GLY B 156 -5.35 4.47 -32.09
N LEU B 157 -4.13 4.30 -31.57
CA LEU B 157 -3.95 3.69 -30.25
C LEU B 157 -4.13 4.73 -29.14
N VAL B 158 -4.68 4.28 -28.02
CA VAL B 158 -4.80 5.08 -26.81
C VAL B 158 -4.02 4.35 -25.72
N VAL B 159 -2.94 4.96 -25.24
CA VAL B 159 -2.03 4.34 -24.29
C VAL B 159 -2.20 5.04 -22.94
N ILE B 160 -2.43 4.25 -21.89
CA ILE B 160 -2.61 4.77 -20.53
C ILE B 160 -1.55 4.14 -19.63
N THR B 161 -0.86 4.97 -18.84
CA THR B 161 0.19 4.54 -17.95
C THR B 161 -0.06 5.04 -16.53
N GLY B 162 0.40 4.26 -15.55
CA GLY B 162 0.29 4.62 -14.14
C GLY B 162 1.26 5.71 -13.71
N CYS B 163 2.52 5.36 -13.44
CA CYS B 163 3.56 6.37 -13.26
C CYS B 163 4.59 6.29 -14.38
N ALA B 164 4.53 5.26 -15.24
CA ALA B 164 5.41 5.14 -16.39
C ALA B 164 6.88 5.08 -15.97
N HIS B 165 7.17 4.30 -14.94
CA HIS B 165 8.54 4.10 -14.49
C HIS B 165 9.51 3.66 -15.60
N PRO B 166 9.17 2.69 -16.46
CA PRO B 166 10.14 2.29 -17.50
C PRO B 166 10.53 3.39 -18.49
N GLY B 167 9.82 4.51 -18.50
CA GLY B 167 10.11 5.57 -19.45
C GLY B 167 8.99 5.72 -20.46
N ILE B 168 8.36 6.90 -20.46
CA ILE B 168 7.17 7.10 -21.28
C ILE B 168 7.45 6.84 -22.77
N GLU B 169 8.67 7.11 -23.22
CA GLU B 169 8.99 6.91 -24.64
C GLU B 169 9.18 5.44 -24.97
N HIS B 170 9.65 4.64 -24.00
CA HIS B 170 9.76 3.20 -24.23
C HIS B 170 8.40 2.53 -24.24
N ILE B 171 7.44 3.06 -23.47
CA ILE B 171 6.09 2.53 -23.49
C ILE B 171 5.38 2.90 -24.79
N ALA B 172 5.61 4.12 -25.28
CA ALA B 172 5.06 4.52 -26.57
C ALA B 172 5.56 3.60 -27.67
N ALA B 173 6.87 3.35 -27.72
CA ALA B 173 7.45 2.54 -28.78
C ALA B 173 7.02 1.09 -28.67
N ARG B 174 6.86 0.57 -27.45
CA ARG B 174 6.39 -0.81 -27.28
C ARG B 174 4.98 -0.97 -27.84
N SER B 175 4.12 0.01 -27.60
CA SER B 175 2.73 -0.08 -28.08
C SER B 175 2.67 -0.02 -29.60
N ILE B 176 3.47 0.84 -30.22
CA ILE B 176 3.46 0.95 -31.68
C ILE B 176 3.99 -0.33 -32.31
N GLU B 177 4.94 -1.00 -31.65
CA GLU B 177 5.43 -2.29 -32.16
C GLU B 177 4.34 -3.35 -32.09
N MET B 178 3.56 -3.36 -31.01
CA MET B 178 2.60 -4.43 -30.79
C MET B 178 1.53 -4.47 -31.88
N LEU B 179 1.06 -3.31 -32.31
CA LEU B 179 -0.13 -3.24 -33.16
C LEU B 179 0.10 -2.50 -34.47
N GLN B 180 1.28 -1.92 -34.68
CA GLN B 180 1.65 -1.34 -35.97
C GLN B 180 0.63 -0.30 -36.43
N LYS B 181 0.20 0.53 -35.49
CA LYS B 181 -0.65 1.69 -35.69
C LYS B 181 -0.04 2.85 -34.90
N PRO B 182 -0.32 4.09 -35.29
CA PRO B 182 0.20 5.23 -34.53
C PRO B 182 -0.59 5.40 -33.23
N ILE B 183 -0.09 6.30 -32.38
CA ILE B 183 -0.71 6.58 -31.09
C ILE B 183 -1.52 7.86 -31.21
N TYR B 184 -2.81 7.75 -30.91
CA TYR B 184 -3.70 8.91 -30.96
C TYR B 184 -3.70 9.68 -29.64
N LEU B 185 -3.55 8.99 -28.52
CA LEU B 185 -3.57 9.63 -27.21
C LEU B 185 -2.67 8.86 -26.25
N LEU B 186 -1.65 9.54 -25.73
CA LEU B 186 -0.77 9.00 -24.69
C LEU B 186 -1.08 9.75 -23.40
N MET B 187 -1.61 9.04 -22.41
CA MET B 187 -2.10 9.70 -21.20
C MET B 187 -1.72 8.92 -19.96
N GLY B 188 -1.79 9.61 -18.82
CA GLY B 188 -1.45 9.02 -17.54
C GLY B 188 -0.36 9.78 -16.81
N GLY B 189 0.28 9.13 -15.84
CA GLY B 189 1.44 9.71 -15.17
C GLY B 189 2.71 9.34 -15.91
N PHE B 190 3.56 10.33 -16.14
CA PHE B 190 4.79 10.13 -16.90
C PHE B 190 6.04 10.06 -16.03
N HIS B 191 5.91 10.32 -14.72
CA HIS B 191 7.03 10.30 -13.78
C HIS B 191 8.20 11.16 -14.27
N LEU B 192 7.89 12.39 -14.67
CA LEU B 192 8.89 13.36 -15.06
C LEU B 192 9.06 14.47 -14.03
N MET B 193 8.46 14.31 -12.84
CA MET B 193 8.40 15.40 -11.87
C MET B 193 9.77 15.74 -11.28
N TYR B 194 10.72 14.81 -11.32
CA TYR B 194 12.06 15.06 -10.78
C TYR B 194 13.08 15.40 -11.86
N GLU B 195 12.65 15.59 -13.10
CA GLU B 195 13.53 15.82 -14.22
C GLU B 195 13.67 17.31 -14.51
N ASN B 196 14.82 17.71 -15.03
CA ASN B 196 15.09 19.08 -15.39
C ASN B 196 14.56 19.39 -16.79
N THR B 197 14.68 20.65 -17.20
CA THR B 197 14.13 21.08 -18.49
C THR B 197 14.76 20.31 -19.64
N ALA B 198 16.09 20.20 -19.65
CA ALA B 198 16.78 19.54 -20.74
C ALA B 198 16.19 18.16 -21.01
N ARG B 199 16.20 17.29 -19.99
CA ARG B 199 15.71 15.92 -20.14
C ARG B 199 14.30 15.88 -20.70
N ILE B 200 13.41 16.75 -20.22
CA ILE B 200 12.02 16.71 -20.67
C ILE B 200 11.91 17.04 -22.15
N SER B 201 12.70 18.02 -22.61
CA SER B 201 12.69 18.37 -24.04
C SER B 201 13.18 17.22 -24.90
N GLU B 202 14.08 16.38 -24.38
CA GLU B 202 14.47 15.19 -25.11
C GLU B 202 13.31 14.21 -25.22
N VAL B 203 12.61 13.97 -24.12
CA VAL B 203 11.45 13.09 -24.15
C VAL B 203 10.41 13.62 -25.13
N ILE B 204 10.07 14.90 -25.01
CA ILE B 204 9.05 15.49 -25.90
C ILE B 204 9.43 15.27 -27.36
N GLU B 205 10.70 15.53 -27.70
CA GLU B 205 11.09 15.42 -29.10
C GLU B 205 11.15 13.96 -29.56
N THR B 206 11.40 13.02 -28.66
CA THR B 206 11.27 11.61 -29.04
C THR B 206 9.81 11.23 -29.25
N LEU B 207 8.91 11.76 -28.40
CA LEU B 207 7.49 11.56 -28.62
C LEU B 207 7.04 12.21 -29.91
N ASP B 208 7.69 13.30 -30.32
CA ASP B 208 7.38 13.91 -31.62
C ASP B 208 7.87 13.04 -32.78
N GLU B 209 9.00 12.35 -32.59
CA GLU B 209 9.49 11.46 -33.64
C GLU B 209 8.57 10.27 -33.82
N LEU B 210 8.07 9.71 -32.71
CA LEU B 210 7.15 8.58 -32.79
C LEU B 210 5.79 8.97 -33.35
N GLY B 211 5.50 10.27 -33.49
CA GLY B 211 4.23 10.69 -34.04
C GLY B 211 3.07 10.67 -33.07
N ILE B 212 3.33 10.87 -31.77
CA ILE B 212 2.25 10.94 -30.80
C ILE B 212 1.34 12.11 -31.16
N GLN B 213 0.05 11.83 -31.35
CA GLN B 213 -0.85 12.87 -31.83
C GLN B 213 -1.38 13.75 -30.69
N ASN B 214 -1.81 13.13 -29.59
CA ASN B 214 -2.27 13.89 -28.43
C ASN B 214 -1.67 13.30 -27.17
N VAL B 215 -1.54 14.14 -26.15
CA VAL B 215 -1.06 13.73 -24.84
C VAL B 215 -1.99 14.27 -23.78
N CYS B 216 -2.04 13.56 -22.64
CA CYS B 216 -2.74 14.03 -21.46
C CYS B 216 -1.91 13.65 -20.25
N PRO B 217 -0.82 14.38 -19.99
CA PRO B 217 0.04 14.05 -18.84
C PRO B 217 -0.59 14.56 -17.56
N THR B 218 -0.57 13.72 -16.53
CA THR B 218 -1.18 14.06 -15.24
C THR B 218 -0.48 13.23 -14.17
N HIS B 219 -1.11 13.09 -13.00
CA HIS B 219 -0.56 12.37 -11.85
C HIS B 219 0.88 12.80 -11.56
N CYS B 220 1.85 11.89 -11.71
CA CYS B 220 3.22 12.13 -11.29
C CYS B 220 4.06 12.78 -12.37
N SER B 221 3.41 13.37 -13.37
CA SER B 221 4.13 13.90 -14.53
C SER B 221 4.99 15.10 -14.17
N GLY B 222 4.55 15.93 -13.23
CA GLY B 222 5.32 17.10 -12.84
C GLY B 222 4.81 18.40 -13.44
N ASP B 223 4.80 19.47 -12.63
CA ASP B 223 4.30 20.75 -13.12
C ASP B 223 5.15 21.30 -14.25
N LEU B 224 6.47 21.12 -14.18
CA LEU B 224 7.34 21.60 -15.24
C LEU B 224 7.05 20.87 -16.54
N ALA B 225 7.09 19.53 -16.51
CA ALA B 225 6.84 18.74 -17.71
C ALA B 225 5.49 19.06 -18.33
N ILE B 226 4.44 19.20 -17.49
CA ILE B 226 3.10 19.47 -18.00
C ILE B 226 3.08 20.81 -18.74
N SER B 227 3.73 21.84 -18.18
CA SER B 227 3.77 23.13 -18.85
C SER B 227 4.49 23.04 -20.19
N MET B 228 5.66 22.37 -20.22
CA MET B 228 6.39 22.23 -21.47
C MET B 228 5.60 21.42 -22.49
N PHE B 229 4.94 20.35 -22.05
CA PHE B 229 4.05 19.61 -22.94
C PHE B 229 2.95 20.51 -23.50
N LYS B 230 2.41 21.39 -22.66
CA LYS B 230 1.33 22.27 -23.11
C LYS B 230 1.82 23.26 -24.16
N SER B 231 2.97 23.91 -23.93
CA SER B 231 3.46 24.88 -24.90
C SER B 231 3.89 24.21 -26.20
N HIS B 232 4.28 22.94 -26.14
CA HIS B 232 4.72 22.25 -27.35
C HIS B 232 3.53 21.74 -28.16
N PHE B 233 2.60 21.02 -27.52
CA PHE B 233 1.47 20.42 -28.22
C PHE B 233 0.25 21.33 -28.30
N GLY B 234 0.19 22.39 -27.50
CA GLY B 234 -0.92 23.31 -27.58
C GLY B 234 -2.25 22.62 -27.28
N ASP B 235 -3.19 22.74 -28.22
CA ASP B 235 -4.51 22.13 -28.08
C ASP B 235 -4.47 20.61 -28.14
N ARG B 236 -3.38 20.02 -28.60
CA ARG B 236 -3.24 18.57 -28.57
C ARG B 236 -2.83 18.06 -27.19
N CYS B 237 -2.64 18.95 -26.22
CA CYS B 237 -2.33 18.57 -24.84
C CYS B 237 -3.58 18.78 -23.99
N LEU B 238 -4.15 17.69 -23.49
CA LEU B 238 -5.45 17.73 -22.84
C LEU B 238 -5.30 17.92 -21.34
N GLN B 239 -6.13 18.80 -20.78
CA GLN B 239 -6.23 18.98 -19.35
C GLN B 239 -6.68 17.67 -18.68
N GLY B 240 -5.92 17.21 -17.70
CA GLY B 240 -6.27 16.03 -16.93
C GLY B 240 -6.97 16.38 -15.63
N GLY B 241 -6.91 15.45 -14.68
CA GLY B 241 -7.46 15.67 -13.35
C GLY B 241 -8.76 14.92 -13.13
N ILE B 242 -9.16 14.89 -11.85
CA ILE B 242 -10.38 14.18 -11.46
C ILE B 242 -11.56 14.71 -12.24
N GLY B 243 -12.36 13.80 -12.80
CA GLY B 243 -13.56 14.17 -13.50
C GLY B 243 -13.40 14.44 -14.98
N ARG B 244 -12.16 14.56 -15.46
CA ARG B 244 -11.96 14.72 -16.90
C ARG B 244 -12.52 13.51 -17.64
N VAL B 245 -13.25 13.78 -18.71
CA VAL B 245 -13.80 12.75 -19.56
C VAL B 245 -13.22 12.91 -20.96
N ILE B 246 -12.66 11.84 -21.49
CA ILE B 246 -12.08 11.84 -22.84
C ILE B 246 -12.80 10.79 -23.66
N THR B 247 -13.29 11.19 -24.83
CA THR B 247 -14.00 10.28 -25.73
C THR B 247 -13.23 10.22 -27.04
N ILE B 248 -12.96 9.01 -27.51
CA ILE B 248 -12.17 8.81 -28.72
C ILE B 248 -13.09 8.58 -29.91
#